data_5IJ5
#
_entry.id   5IJ5
#
_cell.length_a   96.132
_cell.length_b   96.132
_cell.length_c   144.151
_cell.angle_alpha   90.000
_cell.angle_beta   90.000
_cell.angle_gamma   120.000
#
_symmetry.space_group_name_H-M   'P 61'
#
loop_
_entity.id
_entity.type
_entity.pdbx_description
1 polymer 'Serum albumin'
2 non-polymer 'ZINC ION'
3 non-polymer GLYCEROL
4 water water
#
_entity_poly.entity_id   1
_entity_poly.type   'polypeptide(L)'
_entity_poly.pdbx_seq_one_letter_code
;DTHKSEIAHRFNDLGEKHFKGLVLVAFSQYLQQCPFEDHVKLVNEVTEFAKKCAADESAENCDKSLHTLFGDKLCTVATL
RATYGELADCCEKQEPERNECFLTHKDDHPNLPKLKPEPDAQCAAFQEDPDKFLGKYLYEVARRHPYFYGPELLFHAEEY
KADFTECCPADDKLACLIPKLDALKERILLSSAKERLKCSSFQNFGERAVKAWSVARLSQKFPKADFAEVSKIVTDLTKV
HKECCHGDLLECADDRADLAKYICEHQDSISGKLKACCDKPLLQKSHCIAEVKEDDLPSDLPALAADFAEDKEICKHYKD
AKDVFLGTFLYEYSRRHPDYSVSLLLRIAKTYEATLEKCCAEADPPACYRTVFDQFTPLVEEPKSLVKKNCDLFEEVGEY
DFQNALIVRYTKKAPQVSTPTLVEIGRTLGKVGSRCCKLPESERLPCSENHLALALNRLCVLHEKTPVSEKITKCCTDSL
AERRPCFSALELDEGYVPKEFKAETFTFHADICTLPEDEKQIKKQSALAELVKHKPKATKEQLKTVLGNFSAFVAKCCGA
EDKEACFAEEGPKLVASSQLALA
;
_entity_poly.pdbx_strand_id   A
#
loop_
_chem_comp.id
_chem_comp.type
_chem_comp.name
_chem_comp.formula
GOL non-polymer GLYCEROL 'C3 H8 O3'
ZN non-polymer 'ZINC ION' 'Zn 2'
#
# COMPACT_ATOMS: atom_id res chain seq x y z
N HIS A 3 -24.90 24.43 0.11
CA HIS A 3 -24.56 25.03 1.45
C HIS A 3 -23.79 26.33 1.25
N LYS A 4 -24.04 27.32 2.11
CA LYS A 4 -23.32 28.61 2.03
C LYS A 4 -21.84 28.46 2.42
N SER A 5 -21.58 27.76 3.52
CA SER A 5 -20.22 27.53 4.01
C SER A 5 -19.94 26.03 4.13
N GLU A 6 -19.03 25.52 3.27
CA GLU A 6 -18.74 24.08 3.25
C GLU A 6 -17.98 23.66 4.51
N ILE A 7 -17.13 24.52 5.03
CA ILE A 7 -16.46 24.27 6.32
C ILE A 7 -17.46 24.14 7.50
N ALA A 8 -18.55 24.90 7.47
CA ALA A 8 -19.65 24.74 8.42
C ALA A 8 -20.29 23.35 8.28
N HIS A 9 -20.66 23.01 7.05
CA HIS A 9 -21.25 21.71 6.73
C HIS A 9 -20.42 20.54 7.29
N ARG A 10 -19.10 20.57 7.10
CA ARG A 10 -18.21 19.49 7.54
C ARG A 10 -18.01 19.42 9.05
N PHE A 11 -17.91 20.58 9.70
CA PHE A 11 -17.83 20.62 11.17
C PHE A 11 -19.10 20.02 11.79
N ASN A 12 -20.28 20.44 11.29
CA ASN A 12 -21.58 19.90 11.73
C ASN A 12 -21.66 18.38 11.54
N ASP A 13 -21.26 17.94 10.35
CA ASP A 13 -21.32 16.53 9.98
C ASP A 13 -20.36 15.66 10.79
N LEU A 14 -19.10 16.07 10.88
CA LEU A 14 -18.05 15.25 11.52
C LEU A 14 -17.94 15.39 13.04
N GLY A 15 -18.25 16.57 13.58
CA GLY A 15 -18.01 16.85 15.00
C GLY A 15 -16.60 17.33 15.28
N GLU A 16 -16.44 18.08 16.38
CA GLU A 16 -15.17 18.70 16.76
C GLU A 16 -14.01 17.69 16.85
N LYS A 17 -14.21 16.61 17.56
CA LYS A 17 -13.15 15.65 17.76
C LYS A 17 -12.61 15.03 16.49
N HIS A 18 -13.49 14.58 15.62
CA HIS A 18 -13.07 14.02 14.35
C HIS A 18 -12.54 15.10 13.41
N PHE A 19 -13.18 16.26 13.41
CA PHE A 19 -12.76 17.34 12.55
C PHE A 19 -11.35 17.73 12.90
N LYS A 20 -11.08 17.84 14.19
CA LYS A 20 -9.74 18.13 14.73
C LYS A 20 -8.73 17.08 14.31
N GLY A 21 -9.06 15.82 14.55
CA GLY A 21 -8.21 14.69 14.19
C GLY A 21 -7.85 14.61 12.70
N LEU A 22 -8.80 14.91 11.83
CA LEU A 22 -8.54 14.93 10.39
C LEU A 22 -7.63 16.10 10.00
N VAL A 23 -7.94 17.30 10.48
CA VAL A 23 -7.13 18.48 10.16
C VAL A 23 -5.67 18.28 10.60
N LEU A 24 -5.46 17.65 11.76
CA LEU A 24 -4.11 17.29 12.22
C LEU A 24 -3.40 16.31 11.30
N VAL A 25 -4.13 15.32 10.80
CA VAL A 25 -3.59 14.37 9.83
C VAL A 25 -3.27 15.06 8.51
N ALA A 26 -4.18 15.92 8.03
CA ALA A 26 -3.97 16.69 6.80
C ALA A 26 -2.67 17.49 6.87
N PHE A 27 -2.53 18.30 7.92
CA PHE A 27 -1.35 19.16 8.06
C PHE A 27 -0.05 18.39 8.21
N SER A 28 -0.09 17.24 8.86
CA SER A 28 1.08 16.38 9.06
C SER A 28 1.51 15.61 7.80
N GLN A 29 0.59 15.44 6.85
CA GLN A 29 0.92 14.76 5.59
C GLN A 29 1.54 15.71 4.57
N TYR A 30 0.99 16.91 4.48
CA TYR A 30 1.55 17.98 3.64
C TYR A 30 2.86 18.57 4.20
N LEU A 31 3.00 18.60 5.52
CA LEU A 31 4.16 19.17 6.22
C LEU A 31 4.75 18.13 7.20
N GLN A 32 5.64 17.28 6.69
CA GLN A 32 6.09 16.08 7.39
C GLN A 32 7.29 16.28 8.34
N GLN A 33 7.86 17.48 8.39
CA GLN A 33 9.06 17.78 9.21
C GLN A 33 8.78 18.67 10.43
N CYS A 34 7.94 19.71 10.28
CA CYS A 34 7.66 20.67 11.37
C CYS A 34 7.22 19.91 12.63
N PRO A 35 7.68 20.34 13.83
CA PRO A 35 7.44 19.58 15.07
C PRO A 35 5.97 19.52 15.47
N PHE A 36 5.67 18.72 16.48
CA PHE A 36 4.28 18.44 16.88
C PHE A 36 3.52 19.72 17.29
N GLU A 37 4.00 20.42 18.31
CA GLU A 37 3.30 21.60 18.88
C GLU A 37 2.88 22.68 17.86
N ASP A 38 3.66 22.83 16.79
CA ASP A 38 3.34 23.78 15.70
C ASP A 38 2.05 23.44 14.97
N HIS A 39 1.94 22.19 14.52
CA HIS A 39 0.70 21.70 13.90
C HIS A 39 -0.49 21.77 14.86
N VAL A 40 -0.25 21.58 16.15
CA VAL A 40 -1.31 21.70 17.16
C VAL A 40 -1.92 23.12 17.13
N LYS A 41 -1.07 24.15 16.97
CA LYS A 41 -1.53 25.54 16.86
C LYS A 41 -2.38 25.79 15.62
N LEU A 42 -1.91 25.32 14.48
CA LEU A 42 -2.62 25.40 13.19
C LEU A 42 -4.00 24.72 13.25
N VAL A 43 -4.01 23.49 13.77
CA VAL A 43 -5.26 22.71 13.95
C VAL A 43 -6.26 23.50 14.79
N ASN A 44 -5.78 24.06 15.90
CA ASN A 44 -6.60 24.91 16.78
C ASN A 44 -7.23 26.11 16.09
N GLU A 45 -6.44 26.79 15.26
CA GLU A 45 -6.91 27.98 14.54
C GLU A 45 -7.99 27.65 13.50
N VAL A 46 -7.78 26.56 12.77
CA VAL A 46 -8.77 26.04 11.81
C VAL A 46 -10.09 25.67 12.50
N THR A 47 -10.00 24.98 13.64
CA THR A 47 -11.19 24.57 14.41
C THR A 47 -11.96 25.76 14.98
N GLU A 48 -11.23 26.73 15.53
CA GLU A 48 -11.81 28.01 15.99
C GLU A 48 -12.59 28.71 14.88
N PHE A 49 -11.96 28.82 13.73
CA PHE A 49 -12.58 29.40 12.53
C PHE A 49 -13.80 28.58 12.08
N ALA A 50 -13.68 27.26 12.13
CA ALA A 50 -14.79 26.36 11.77
C ALA A 50 -16.01 26.51 12.70
N LYS A 51 -15.74 26.76 13.99
CA LYS A 51 -16.81 27.11 14.94
C LYS A 51 -17.45 28.47 14.62
N LYS A 52 -16.63 29.45 14.21
CA LYS A 52 -17.14 30.77 13.77
C LYS A 52 -18.07 30.67 12.56
N CYS A 53 -17.81 29.72 11.68
CA CYS A 53 -18.59 29.55 10.45
C CYS A 53 -19.87 28.74 10.64
N ALA A 54 -19.87 27.73 11.51
CA ALA A 54 -21.10 26.96 11.77
C ALA A 54 -22.16 27.75 12.53
N ALA A 55 -21.73 28.69 13.38
CA ALA A 55 -22.64 29.59 14.09
C ALA A 55 -23.15 30.69 13.15
N ASP A 56 -22.25 31.24 12.33
CA ASP A 56 -22.59 32.21 11.31
C ASP A 56 -22.06 31.73 9.95
N GLU A 57 -22.86 30.94 9.23
CA GLU A 57 -22.51 30.47 7.86
C GLU A 57 -22.15 31.66 6.92
N SER A 58 -22.68 32.84 7.22
CA SER A 58 -22.41 34.10 6.47
C SER A 58 -21.14 34.92 6.80
N ALA A 59 -20.54 34.71 7.98
CA ALA A 59 -19.32 35.47 8.41
C ALA A 59 -18.17 35.40 7.39
N GLU A 60 -17.28 36.39 7.41
CA GLU A 60 -16.24 36.52 6.37
C GLU A 60 -15.31 35.30 6.28
N ASN A 61 -14.93 34.98 5.04
CA ASN A 61 -14.11 33.80 4.68
C ASN A 61 -14.77 32.42 4.78
N CYS A 62 -15.95 32.33 5.40
CA CYS A 62 -16.64 31.04 5.58
C CYS A 62 -17.18 30.43 4.29
N ASP A 63 -17.46 31.29 3.31
CA ASP A 63 -17.94 30.88 1.99
C ASP A 63 -16.86 30.36 1.03
N LYS A 64 -15.58 30.53 1.36
CA LYS A 64 -14.47 30.04 0.51
C LYS A 64 -14.41 28.51 0.49
N SER A 65 -13.79 27.97 -0.56
CA SER A 65 -13.67 26.52 -0.75
C SER A 65 -12.69 25.92 0.27
N LEU A 66 -12.92 24.66 0.65
CA LEU A 66 -12.04 23.96 1.58
C LEU A 66 -10.56 23.98 1.14
N HIS A 67 -10.33 23.86 -0.17
CA HIS A 67 -8.99 23.96 -0.77
C HIS A 67 -8.36 25.33 -0.60
N THR A 68 -9.15 26.38 -0.84
CA THR A 68 -8.67 27.75 -0.66
C THR A 68 -8.23 27.97 0.79
N LEU A 69 -9.08 27.58 1.74
CA LEU A 69 -8.82 27.80 3.17
C LEU A 69 -7.60 27.03 3.68
N PHE A 70 -7.51 25.76 3.28
CA PHE A 70 -6.41 24.89 3.70
C PHE A 70 -5.07 25.32 3.09
N GLY A 71 -5.08 25.60 1.79
CA GLY A 71 -3.87 26.01 1.07
C GLY A 71 -3.35 27.37 1.50
N ASP A 72 -4.28 28.30 1.77
CA ASP A 72 -3.93 29.60 2.34
C ASP A 72 -3.27 29.42 3.71
N LYS A 73 -3.82 28.51 4.53
CA LYS A 73 -3.25 28.26 5.88
C LYS A 73 -1.81 27.76 5.84
N LEU A 74 -1.55 26.80 4.96
CA LEU A 74 -0.18 26.29 4.73
C LEU A 74 0.78 27.41 4.33
N CYS A 75 0.32 28.32 3.48
CA CYS A 75 1.18 29.38 2.97
C CYS A 75 1.51 30.49 3.97
N THR A 76 0.76 30.60 5.07
CA THR A 76 1.08 31.54 6.18
C THR A 76 1.95 30.94 7.28
N VAL A 77 2.47 29.73 7.09
CA VAL A 77 3.40 29.13 8.05
C VAL A 77 4.76 29.82 7.93
N ALA A 78 5.25 30.40 9.03
CA ALA A 78 6.64 30.84 9.14
C ALA A 78 7.52 29.59 9.19
N THR A 79 8.70 29.66 8.58
CA THR A 79 9.62 28.51 8.38
C THR A 79 9.17 27.54 7.27
N LEU A 80 8.23 27.94 6.42
CA LEU A 80 7.78 27.08 5.32
C LEU A 80 8.91 26.92 4.31
N ARG A 81 9.46 28.06 3.88
CA ARG A 81 10.61 28.08 2.96
C ARG A 81 11.87 27.50 3.60
N ALA A 82 12.12 27.85 4.85
CA ALA A 82 13.30 27.39 5.58
C ALA A 82 13.35 25.87 5.72
N THR A 83 12.23 25.27 6.13
CA THR A 83 12.15 23.82 6.30
C THR A 83 11.88 23.09 4.98
N TYR A 84 10.92 23.58 4.18
CA TYR A 84 10.42 22.81 3.01
C TYR A 84 10.91 23.27 1.64
N GLY A 85 11.69 24.35 1.58
CA GLY A 85 12.36 24.80 0.35
C GLY A 85 11.44 25.06 -0.83
N GLU A 86 11.42 24.12 -1.78
CA GLU A 86 10.61 24.24 -3.01
C GLU A 86 9.08 24.26 -2.78
N LEU A 87 8.63 23.69 -1.67
CA LEU A 87 7.20 23.67 -1.31
C LEU A 87 6.60 25.09 -1.21
N ALA A 88 7.40 26.05 -0.78
CA ALA A 88 7.01 27.45 -0.75
C ALA A 88 6.72 28.04 -2.14
N ASP A 89 7.41 27.56 -3.18
CA ASP A 89 7.10 27.96 -4.57
C ASP A 89 5.64 27.67 -4.97
N CYS A 90 5.05 26.59 -4.42
CA CYS A 90 3.63 26.26 -4.69
C CYS A 90 2.64 27.36 -4.29
N CYS A 91 2.97 28.15 -3.27
CA CYS A 91 2.12 29.26 -2.82
C CYS A 91 1.91 30.38 -3.84
N GLU A 92 2.82 30.52 -4.80
CA GLU A 92 2.67 31.50 -5.88
C GLU A 92 1.61 31.10 -6.91
N LYS A 93 1.35 29.79 -7.07
CA LYS A 93 0.29 29.27 -7.95
C LYS A 93 -1.10 29.53 -7.36
N GLN A 94 -2.10 29.62 -8.23
CA GLN A 94 -3.52 29.68 -7.80
C GLN A 94 -4.14 28.29 -7.93
N GLU A 95 -5.26 28.07 -7.24
CA GLU A 95 -5.98 26.79 -7.33
C GLU A 95 -6.57 26.65 -8.76
N PRO A 96 -6.68 25.43 -9.30
CA PRO A 96 -6.35 24.15 -8.63
C PRO A 96 -4.87 23.71 -8.72
N GLU A 97 -4.04 24.47 -9.43
CA GLU A 97 -2.62 24.09 -9.63
C GLU A 97 -1.82 24.13 -8.32
N ARG A 98 -2.25 24.96 -7.36
CA ARG A 98 -1.64 25.04 -6.04
C ARG A 98 -1.71 23.71 -5.29
N ASN A 99 -2.87 23.08 -5.30
CA ASN A 99 -3.05 21.81 -4.60
C ASN A 99 -2.27 20.66 -5.26
N GLU A 100 -2.28 20.57 -6.59
CA GLU A 100 -1.47 19.56 -7.31
C GLU A 100 -0.01 19.69 -6.95
N CYS A 101 0.44 20.93 -6.77
CA CYS A 101 1.84 21.23 -6.47
C CYS A 101 2.21 20.71 -5.08
N PHE A 102 1.38 21.02 -4.10
CA PHE A 102 1.57 20.47 -2.75
C PHE A 102 1.58 18.93 -2.72
N LEU A 103 0.65 18.31 -3.46
CA LEU A 103 0.56 16.83 -3.48
C LEU A 103 1.77 16.15 -4.07
N THR A 104 2.34 16.76 -5.11
CA THR A 104 3.49 16.19 -5.79
C THR A 104 4.78 16.33 -4.95
N HIS A 105 4.77 17.20 -3.93
CA HIS A 105 5.91 17.37 -3.01
C HIS A 105 5.83 16.55 -1.70
N LYS A 106 4.75 15.80 -1.50
CA LYS A 106 4.69 14.81 -0.41
C LYS A 106 5.77 13.74 -0.56
N ASP A 107 6.47 13.44 0.54
CA ASP A 107 7.64 12.57 0.56
C ASP A 107 7.24 11.14 0.97
N ASP A 108 7.47 10.19 0.08
CA ASP A 108 7.12 8.78 0.31
C ASP A 108 8.19 8.01 1.09
N HIS A 109 9.42 8.54 1.11
CA HIS A 109 10.53 7.96 1.89
C HIS A 109 11.20 9.08 2.74
N PRO A 110 10.47 9.61 3.75
CA PRO A 110 10.98 10.70 4.57
C PRO A 110 12.09 10.32 5.56
N ASN A 111 12.23 9.02 5.85
CA ASN A 111 13.42 8.47 6.52
C ASN A 111 13.54 8.93 7.98
N LEU A 112 12.42 8.93 8.69
CA LEU A 112 12.38 9.46 10.05
C LEU A 112 12.72 8.37 11.07
N PRO A 113 13.12 8.78 12.30
CA PRO A 113 13.44 7.79 13.35
C PRO A 113 12.34 6.74 13.54
N LYS A 114 12.73 5.46 13.56
CA LYS A 114 11.78 4.36 13.74
C LYS A 114 11.09 4.47 15.10
N LEU A 115 9.76 4.51 15.08
CA LEU A 115 8.97 4.73 16.30
C LEU A 115 8.89 3.42 17.09
N LYS A 116 9.96 3.11 17.81
CA LYS A 116 10.06 1.88 18.59
C LYS A 116 9.20 1.97 19.85
N PRO A 117 8.51 0.87 20.21
CA PRO A 117 7.68 0.87 21.42
C PRO A 117 8.54 0.78 22.69
N GLU A 118 8.64 1.90 23.42
CA GLU A 118 9.40 1.98 24.67
C GLU A 118 8.41 1.97 25.84
N PRO A 119 7.95 0.76 26.27
CA PRO A 119 6.71 0.65 27.07
C PRO A 119 6.72 1.43 28.39
N ASP A 120 7.83 1.35 29.12
CA ASP A 120 8.01 2.14 30.34
C ASP A 120 8.07 3.63 30.04
N ALA A 121 8.78 4.01 28.98
CA ALA A 121 8.92 5.41 28.56
C ALA A 121 7.63 6.00 27.95
N GLN A 122 6.82 5.17 27.30
CA GLN A 122 5.57 5.62 26.68
C GLN A 122 4.46 5.86 27.73
N CYS A 123 4.25 4.89 28.62
CA CYS A 123 3.24 5.03 29.69
C CYS A 123 3.44 6.30 30.55
N ALA A 124 4.69 6.69 30.76
CA ALA A 124 5.02 7.93 31.48
C ALA A 124 4.65 9.19 30.68
N ALA A 125 4.83 9.13 29.37
CA ALA A 125 4.32 10.18 28.47
C ALA A 125 2.78 10.14 28.39
N PHE A 126 2.22 8.94 28.39
CA PHE A 126 0.76 8.72 28.40
C PHE A 126 0.11 9.27 29.68
N GLN A 127 0.81 9.06 30.80
CA GLN A 127 0.39 9.61 32.10
C GLN A 127 0.40 11.14 32.11
N GLU A 128 1.56 11.72 31.79
CA GLU A 128 1.77 13.19 31.83
C GLU A 128 0.80 13.97 30.93
N ASP A 129 0.59 13.51 29.70
CA ASP A 129 -0.22 14.25 28.72
C ASP A 129 -0.97 13.29 27.76
N PRO A 130 -2.12 12.72 28.20
CA PRO A 130 -2.85 11.75 27.35
C PRO A 130 -3.46 12.29 26.05
N ASP A 131 -4.07 13.48 26.08
CA ASP A 131 -4.63 14.10 24.86
C ASP A 131 -3.56 14.41 23.82
N LYS A 132 -2.39 14.83 24.29
CA LYS A 132 -1.21 14.97 23.43
C LYS A 132 -0.68 13.62 22.93
N PHE A 133 -0.81 12.58 23.76
CA PHE A 133 -0.34 11.22 23.41
C PHE A 133 -1.12 10.59 22.25
N LEU A 134 -2.45 10.72 22.27
CA LEU A 134 -3.29 10.26 21.15
C LEU A 134 -3.05 11.13 19.92
N GLY A 135 -3.04 12.45 20.12
CA GLY A 135 -2.73 13.43 19.07
C GLY A 135 -1.36 13.25 18.42
N LYS A 136 -0.37 12.83 19.21
CA LYS A 136 0.99 12.64 18.68
C LYS A 136 1.10 11.38 17.82
N TYR A 137 0.37 10.33 18.18
CA TYR A 137 0.30 9.10 17.36
C TYR A 137 -0.17 9.40 15.92
N LEU A 138 -1.27 10.14 15.81
CA LEU A 138 -1.80 10.59 14.52
C LEU A 138 -0.75 11.35 13.73
N TYR A 139 -0.08 12.28 14.41
CA TYR A 139 0.98 13.10 13.80
C TYR A 139 2.14 12.23 13.28
N GLU A 140 2.62 11.30 14.11
CA GLU A 140 3.78 10.47 13.78
C GLU A 140 3.54 9.47 12.65
N VAL A 141 2.33 8.90 12.60
CA VAL A 141 1.96 7.97 11.53
C VAL A 141 1.67 8.76 10.25
N ALA A 142 1.01 9.92 10.38
CA ALA A 142 0.68 10.76 9.21
C ALA A 142 1.90 11.20 8.41
N ARG A 143 2.88 11.77 9.10
CA ARG A 143 4.09 12.27 8.45
C ARG A 143 4.97 11.18 7.84
N ARG A 144 4.94 10.01 8.47
CA ARG A 144 5.62 8.83 7.96
C ARG A 144 4.91 8.29 6.71
N HIS A 145 3.58 8.33 6.72
CA HIS A 145 2.80 7.87 5.60
C HIS A 145 1.91 9.01 5.08
N PRO A 146 2.43 9.76 4.03
CA PRO A 146 1.61 10.90 3.57
C PRO A 146 0.26 10.71 2.83
N TYR A 147 0.02 9.55 2.25
CA TYR A 147 -1.23 9.26 1.52
C TYR A 147 -2.14 8.31 2.31
N PHE A 148 -1.83 8.11 3.58
CA PHE A 148 -2.64 7.27 4.47
C PHE A 148 -4.06 7.84 4.61
N TYR A 149 -5.01 6.93 4.42
CA TYR A 149 -6.44 7.17 4.47
C TYR A 149 -6.81 7.85 5.82
N GLY A 150 -7.14 9.13 5.81
CA GLY A 150 -7.31 9.89 7.06
C GLY A 150 -8.25 9.30 8.12
N PRO A 151 -9.50 8.97 7.75
CA PRO A 151 -10.47 8.33 8.65
C PRO A 151 -10.01 6.97 9.19
N GLU A 152 -9.22 6.27 8.38
CA GLU A 152 -8.56 5.03 8.75
C GLU A 152 -7.57 5.21 9.90
N LEU A 153 -6.85 6.34 9.90
CA LEU A 153 -5.86 6.63 10.94
C LEU A 153 -6.52 6.91 12.28
N LEU A 154 -7.63 7.66 12.25
CA LEU A 154 -8.43 7.90 13.46
C LEU A 154 -8.84 6.60 14.13
N PHE A 155 -9.31 5.63 13.34
CA PHE A 155 -9.72 4.32 13.86
C PHE A 155 -8.57 3.63 14.58
N HIS A 156 -7.42 3.60 13.92
CA HIS A 156 -6.24 2.94 14.47
C HIS A 156 -5.63 3.72 15.64
N ALA A 157 -5.82 5.04 15.66
CA ALA A 157 -5.46 5.85 16.84
C ALA A 157 -6.31 5.47 18.06
N GLU A 158 -7.59 5.18 17.84
CA GLU A 158 -8.47 4.67 18.89
C GLU A 158 -8.05 3.26 19.38
N GLU A 159 -7.50 2.43 18.49
CA GLU A 159 -6.87 1.15 18.89
C GLU A 159 -5.64 1.36 19.79
N TYR A 160 -4.85 2.39 19.48
CA TYR A 160 -3.60 2.70 20.20
C TYR A 160 -3.82 3.12 21.67
N LYS A 161 -4.82 3.96 21.92
CA LYS A 161 -5.15 4.37 23.29
C LYS A 161 -5.87 3.28 24.10
N ALA A 162 -6.66 2.45 23.42
CA ALA A 162 -7.34 1.31 24.05
C ALA A 162 -6.32 0.28 24.60
N ASP A 163 -5.24 0.06 23.85
CA ASP A 163 -4.13 -0.79 24.30
C ASP A 163 -3.47 -0.21 25.55
N PHE A 164 -3.05 1.05 25.46
CA PHE A 164 -2.28 1.73 26.53
C PHE A 164 -3.05 1.95 27.84
N THR A 165 -4.32 2.35 27.74
CA THR A 165 -5.18 2.48 28.92
C THR A 165 -5.28 1.14 29.66
N GLU A 166 -5.56 0.09 28.90
CA GLU A 166 -5.69 -1.27 29.42
C GLU A 166 -4.37 -1.80 30.02
N CYS A 167 -3.31 -1.76 29.23
CA CYS A 167 -2.04 -2.44 29.58
C CYS A 167 -1.12 -1.74 30.59
N CYS A 168 -1.07 -0.40 30.57
CA CYS A 168 -0.14 0.37 31.44
C CYS A 168 -0.20 0.03 32.95
N PRO A 169 -1.41 0.02 33.56
CA PRO A 169 -1.49 -0.22 35.02
C PRO A 169 -1.22 -1.66 35.51
N ALA A 170 -1.07 -2.64 34.61
CA ALA A 170 -0.72 -4.02 34.98
C ALA A 170 0.75 -4.12 35.41
N ASP A 171 1.10 -5.24 36.04
CA ASP A 171 2.46 -5.46 36.54
C ASP A 171 3.44 -5.59 35.37
N ASP A 172 3.21 -6.58 34.51
CA ASP A 172 4.00 -6.77 33.29
C ASP A 172 3.48 -5.83 32.20
N LYS A 173 3.89 -4.56 32.29
CA LYS A 173 3.44 -3.51 31.37
C LYS A 173 3.81 -3.79 29.91
N LEU A 174 4.99 -4.36 29.70
CA LEU A 174 5.54 -4.58 28.35
C LEU A 174 4.91 -5.76 27.59
N ALA A 175 4.76 -6.90 28.24
CA ALA A 175 4.24 -8.12 27.58
C ALA A 175 2.74 -8.07 27.24
N CYS A 176 2.00 -7.15 27.85
CA CYS A 176 0.64 -6.80 27.42
C CYS A 176 0.65 -5.92 26.15
N LEU A 177 1.67 -5.06 26.06
CA LEU A 177 1.73 -3.98 25.07
C LEU A 177 2.42 -4.39 23.77
N ILE A 178 3.67 -4.87 23.88
CA ILE A 178 4.53 -5.18 22.72
C ILE A 178 3.87 -6.12 21.70
N PRO A 179 3.23 -7.22 22.15
CA PRO A 179 2.36 -8.00 21.25
C PRO A 179 1.23 -7.20 20.55
N LYS A 180 0.55 -6.34 21.30
CA LYS A 180 -0.55 -5.53 20.75
C LYS A 180 -0.07 -4.43 19.81
N LEU A 181 1.07 -3.81 20.14
CA LEU A 181 1.63 -2.72 19.33
C LEU A 181 2.28 -3.21 18.03
N ASP A 182 3.02 -4.31 18.12
CA ASP A 182 3.65 -4.90 16.94
C ASP A 182 2.61 -5.47 15.96
N ALA A 183 1.43 -5.87 16.46
CA ALA A 183 0.29 -6.25 15.61
C ALA A 183 -0.37 -5.02 14.96
N LEU A 184 -0.42 -3.92 15.71
CA LEU A 184 -0.89 -2.63 15.19
C LEU A 184 0.02 -2.10 14.07
N LYS A 185 1.34 -2.19 14.27
CA LYS A 185 2.31 -1.77 13.26
C LYS A 185 2.05 -2.46 11.92
N GLU A 186 1.92 -3.78 11.93
CA GLU A 186 1.64 -4.56 10.70
C GLU A 186 0.30 -4.18 10.04
N ARG A 187 -0.69 -3.78 10.84
CA ARG A 187 -1.94 -3.22 10.30
C ARG A 187 -1.73 -1.85 9.63
N ILE A 188 -0.89 -0.99 10.20
CA ILE A 188 -0.59 0.32 9.61
C ILE A 188 0.17 0.16 8.27
N LEU A 189 1.16 -0.72 8.25
CA LEU A 189 1.97 -0.96 7.04
C LEU A 189 1.10 -1.44 5.89
N LEU A 190 0.23 -2.39 6.19
CA LEU A 190 -0.66 -2.97 5.20
C LEU A 190 -1.70 -1.95 4.69
N SER A 191 -2.25 -1.17 5.62
CA SER A 191 -3.25 -0.17 5.29
C SER A 191 -2.66 0.93 4.42
N SER A 192 -1.47 1.40 4.79
CA SER A 192 -0.78 2.44 4.02
C SER A 192 -0.51 1.97 2.59
N ALA A 193 0.02 0.76 2.49
CA ALA A 193 0.28 0.10 1.22
C ALA A 193 -0.98 0.02 0.33
N LYS A 194 -2.11 -0.40 0.90
CA LYS A 194 -3.37 -0.55 0.14
C LYS A 194 -3.90 0.79 -0.41
N GLU A 195 -3.93 1.81 0.44
CA GLU A 195 -4.43 3.13 0.02
C GLU A 195 -3.44 3.78 -0.95
N ARG A 196 -2.14 3.59 -0.74
CA ARG A 196 -1.14 4.15 -1.67
C ARG A 196 -1.32 3.62 -3.10
N LEU A 197 -1.65 2.34 -3.22
CA LEU A 197 -1.95 1.74 -4.53
C LEU A 197 -3.17 2.42 -5.15
N LYS A 198 -4.18 2.74 -4.34
CA LYS A 198 -5.34 3.48 -4.82
C LYS A 198 -4.98 4.84 -5.42
N CYS A 199 -4.12 5.59 -4.76
CA CYS A 199 -3.74 6.93 -5.23
C CYS A 199 -2.81 6.84 -6.44
N SER A 200 -1.85 5.92 -6.38
CA SER A 200 -1.04 5.54 -7.54
C SER A 200 -1.88 5.22 -8.77
N SER A 201 -2.99 4.52 -8.57
CA SER A 201 -3.88 4.14 -9.68
C SER A 201 -4.56 5.35 -10.34
N PHE A 202 -5.11 6.27 -9.54
CA PHE A 202 -5.66 7.51 -10.08
C PHE A 202 -4.60 8.29 -10.85
N GLN A 203 -3.40 8.38 -10.29
CA GLN A 203 -2.34 9.27 -10.82
C GLN A 203 -1.77 8.81 -12.16
N ASN A 204 -1.65 7.50 -12.34
CA ASN A 204 -1.06 6.88 -13.53
C ASN A 204 -2.04 6.24 -14.52
N PHE A 205 -3.27 5.97 -14.09
CA PHE A 205 -4.27 5.32 -14.93
C PHE A 205 -5.65 5.97 -15.00
N GLY A 206 -6.06 6.74 -13.99
CA GLY A 206 -7.37 7.40 -13.95
C GLY A 206 -8.46 6.63 -13.21
N GLU A 207 -9.68 7.19 -13.23
CA GLU A 207 -10.86 6.63 -12.54
C GLU A 207 -11.31 5.26 -13.05
N ARG A 208 -11.38 5.13 -14.38
CA ARG A 208 -11.86 3.91 -15.03
C ARG A 208 -11.11 2.64 -14.59
N ALA A 209 -9.81 2.77 -14.33
CA ALA A 209 -9.01 1.63 -13.88
C ALA A 209 -9.29 1.33 -12.43
N VAL A 210 -9.46 2.38 -11.62
CA VAL A 210 -9.84 2.22 -10.21
C VAL A 210 -11.23 1.60 -10.11
N LYS A 211 -12.11 1.96 -11.04
CA LYS A 211 -13.48 1.46 -11.06
C LYS A 211 -13.52 -0.04 -11.32
N ALA A 212 -12.79 -0.48 -12.34
CA ALA A 212 -12.69 -1.91 -12.64
C ALA A 212 -12.11 -2.67 -11.45
N TRP A 213 -11.05 -2.14 -10.88
CA TRP A 213 -10.44 -2.75 -9.70
C TRP A 213 -11.47 -2.90 -8.57
N SER A 214 -12.28 -1.88 -8.32
CA SER A 214 -13.25 -1.95 -7.20
C SER A 214 -14.43 -2.86 -7.56
N VAL A 215 -14.90 -2.77 -8.80
CA VAL A 215 -15.96 -3.66 -9.30
C VAL A 215 -15.56 -5.10 -9.05
N ALA A 216 -14.35 -5.45 -9.45
CA ALA A 216 -13.84 -6.80 -9.29
C ALA A 216 -13.75 -7.19 -7.81
N ARG A 217 -13.14 -6.35 -6.98
CA ARG A 217 -12.97 -6.69 -5.56
C ARG A 217 -14.31 -6.76 -4.82
N LEU A 218 -15.18 -5.77 -5.03
CA LEU A 218 -16.46 -5.73 -4.30
C LEU A 218 -17.39 -6.86 -4.70
N SER A 219 -17.32 -7.30 -5.96
CA SER A 219 -18.10 -8.44 -6.43
C SER A 219 -17.66 -9.76 -5.76
N GLN A 220 -16.36 -9.92 -5.54
CA GLN A 220 -15.84 -11.00 -4.69
C GLN A 220 -16.32 -10.88 -3.26
N LYS A 221 -16.25 -9.66 -2.71
CA LYS A 221 -16.68 -9.37 -1.34
C LYS A 221 -18.16 -9.65 -1.13
N PHE A 222 -18.99 -9.17 -2.05
CA PHE A 222 -20.45 -9.25 -1.94
C PHE A 222 -21.09 -9.99 -3.11
N PRO A 223 -20.83 -11.31 -3.23
CA PRO A 223 -21.43 -12.03 -4.35
C PRO A 223 -22.99 -12.01 -4.39
N LYS A 224 -23.64 -12.00 -3.23
CA LYS A 224 -25.12 -11.91 -3.18
C LYS A 224 -25.69 -10.56 -3.66
N ALA A 225 -24.87 -9.51 -3.66
CA ALA A 225 -25.28 -8.19 -4.17
C ALA A 225 -25.53 -8.22 -5.67
N ASP A 226 -26.60 -7.53 -6.11
CA ASP A 226 -26.86 -7.39 -7.54
C ASP A 226 -25.98 -6.29 -8.16
N PHE A 227 -25.85 -6.33 -9.48
CA PHE A 227 -24.97 -5.43 -10.23
C PHE A 227 -25.22 -3.93 -10.08
N ALA A 228 -26.49 -3.55 -10.00
CA ALA A 228 -26.87 -2.15 -9.77
C ALA A 228 -26.38 -1.67 -8.40
N GLU A 229 -26.48 -2.55 -7.40
CA GLU A 229 -25.98 -2.29 -6.05
C GLU A 229 -24.45 -2.14 -6.01
N VAL A 230 -23.75 -3.06 -6.68
CA VAL A 230 -22.29 -3.01 -6.79
C VAL A 230 -21.84 -1.74 -7.51
N SER A 231 -22.54 -1.37 -8.59
CA SER A 231 -22.26 -0.12 -9.32
C SER A 231 -22.42 1.13 -8.44
N LYS A 232 -23.41 1.10 -7.55
CA LYS A 232 -23.71 2.22 -6.68
C LYS A 232 -22.57 2.38 -5.67
N ILE A 233 -22.24 1.29 -4.97
CA ILE A 233 -21.19 1.32 -3.96
C ILE A 233 -19.88 1.76 -4.66
N VAL A 234 -19.51 1.10 -5.77
CA VAL A 234 -18.28 1.44 -6.52
C VAL A 234 -18.18 2.93 -6.84
N THR A 235 -19.23 3.49 -7.43
CA THR A 235 -19.28 4.92 -7.74
C THR A 235 -19.00 5.74 -6.48
N ASP A 236 -19.77 5.47 -5.43
CA ASP A 236 -19.64 6.21 -4.16
C ASP A 236 -18.25 6.09 -3.57
N LEU A 237 -17.70 4.88 -3.60
CA LEU A 237 -16.40 4.59 -2.99
C LEU A 237 -15.24 5.17 -3.77
N THR A 238 -15.31 5.14 -5.10
CA THR A 238 -14.31 5.76 -5.96
C THR A 238 -14.18 7.26 -5.67
N LYS A 239 -15.32 7.91 -5.43
CA LYS A 239 -15.32 9.33 -5.06
C LYS A 239 -14.64 9.55 -3.71
N VAL A 240 -14.91 8.69 -2.73
CA VAL A 240 -14.27 8.79 -1.41
C VAL A 240 -12.75 8.75 -1.53
N HIS A 241 -12.24 7.88 -2.41
CA HIS A 241 -10.79 7.72 -2.62
C HIS A 241 -10.14 8.79 -3.40
N LYS A 242 -10.81 9.27 -4.45
CA LYS A 242 -10.33 10.43 -5.20
C LYS A 242 -10.09 11.57 -4.22
N GLU A 243 -11.07 11.83 -3.37
CA GLU A 243 -11.01 12.91 -2.38
C GLU A 243 -9.93 12.70 -1.33
N CYS A 244 -9.83 11.50 -0.77
CA CYS A 244 -8.77 11.22 0.23
C CYS A 244 -7.39 11.30 -0.39
N CYS A 245 -7.26 10.78 -1.60
CA CYS A 245 -6.04 10.79 -2.36
C CYS A 245 -5.66 12.22 -2.74
N HIS A 246 -6.64 13.05 -3.00
CA HIS A 246 -6.42 14.44 -3.39
C HIS A 246 -6.30 15.46 -2.27
N GLY A 247 -6.37 15.02 -1.03
CA GLY A 247 -6.25 15.90 0.11
C GLY A 247 -7.56 16.42 0.66
N ASP A 248 -8.63 16.26 -0.11
CA ASP A 248 -9.97 16.65 0.32
C ASP A 248 -10.39 15.76 1.50
N LEU A 249 -9.76 15.99 2.64
CA LEU A 249 -9.82 15.05 3.75
C LEU A 249 -11.15 15.09 4.51
N LEU A 250 -11.77 16.27 4.58
CA LEU A 250 -13.07 16.42 5.22
C LEU A 250 -14.19 15.84 4.36
N GLU A 251 -14.20 16.13 3.05
CA GLU A 251 -15.18 15.50 2.14
C GLU A 251 -15.02 13.98 2.12
N CYS A 252 -13.77 13.51 2.20
CA CYS A 252 -13.47 12.09 2.21
C CYS A 252 -14.18 11.41 3.36
N ALA A 253 -13.97 11.93 4.58
CA ALA A 253 -14.52 11.34 5.80
C ALA A 253 -16.04 11.41 5.82
N ASP A 254 -16.58 12.53 5.37
CA ASP A 254 -18.03 12.76 5.34
C ASP A 254 -18.69 11.79 4.35
N ASP A 255 -18.15 11.72 3.13
CA ASP A 255 -18.68 10.82 2.10
C ASP A 255 -18.57 9.35 2.49
N ARG A 256 -17.52 9.02 3.27
CA ARG A 256 -17.30 7.65 3.79
C ARG A 256 -18.39 7.24 4.79
N ALA A 257 -18.72 8.13 5.71
CA ALA A 257 -19.80 7.93 6.68
C ALA A 257 -21.15 7.68 5.99
N ASP A 258 -21.44 8.47 4.95
CA ASP A 258 -22.70 8.34 4.20
C ASP A 258 -22.81 6.98 3.52
N LEU A 259 -21.68 6.49 3.00
CA LEU A 259 -21.61 5.18 2.37
C LEU A 259 -21.79 4.03 3.36
N ALA A 260 -21.24 4.20 4.57
CA ALA A 260 -21.37 3.22 5.65
C ALA A 260 -22.83 3.10 6.09
N LYS A 261 -23.45 4.25 6.33
CA LYS A 261 -24.88 4.32 6.61
C LYS A 261 -25.67 3.59 5.51
N TYR A 262 -25.34 3.89 4.25
CA TYR A 262 -26.01 3.28 3.10
C TYR A 262 -25.86 1.77 3.11
N ILE A 263 -24.63 1.29 3.18
CA ILE A 263 -24.33 -0.15 3.16
C ILE A 263 -25.11 -0.84 4.29
N CYS A 264 -25.11 -0.23 5.48
CA CYS A 264 -25.81 -0.80 6.63
C CYS A 264 -27.34 -0.78 6.51
N GLU A 265 -27.89 0.27 5.91
CA GLU A 265 -29.33 0.31 5.61
C GLU A 265 -29.76 -0.64 4.47
N HIS A 266 -28.81 -1.18 3.69
CA HIS A 266 -29.10 -2.13 2.59
C HIS A 266 -28.39 -3.48 2.77
N GLN A 267 -28.12 -3.86 4.02
CA GLN A 267 -27.22 -4.98 4.31
C GLN A 267 -27.75 -6.39 3.95
N ASP A 268 -29.06 -6.58 4.00
CA ASP A 268 -29.68 -7.86 3.59
C ASP A 268 -29.54 -8.03 2.07
N SER A 269 -29.76 -6.93 1.34
CA SER A 269 -29.52 -6.86 -0.10
C SER A 269 -28.03 -7.03 -0.49
N ILE A 270 -27.10 -6.69 0.41
CA ILE A 270 -25.64 -6.75 0.13
C ILE A 270 -24.92 -7.98 0.68
N SER A 271 -24.94 -8.19 2.01
CA SER A 271 -24.18 -9.32 2.60
C SER A 271 -24.58 -9.66 4.04
N GLY A 272 -24.68 -10.96 4.34
CA GLY A 272 -24.98 -11.44 5.69
C GLY A 272 -23.84 -11.24 6.68
N LYS A 273 -22.62 -11.09 6.16
CA LYS A 273 -21.43 -10.83 6.98
C LYS A 273 -21.39 -9.40 7.56
N LEU A 274 -22.31 -8.53 7.15
CA LEU A 274 -22.35 -7.15 7.62
C LEU A 274 -23.08 -6.93 8.95
N LYS A 275 -23.82 -7.92 9.45
CA LYS A 275 -24.59 -7.72 10.69
C LYS A 275 -23.70 -7.28 11.87
N ALA A 276 -22.57 -7.95 12.05
CA ALA A 276 -21.61 -7.62 13.10
C ALA A 276 -21.12 -6.16 13.03
N CYS A 277 -20.79 -5.72 11.82
CA CYS A 277 -20.34 -4.34 11.58
C CYS A 277 -21.39 -3.28 11.90
N CYS A 278 -22.63 -3.55 11.53
CA CYS A 278 -23.62 -2.49 11.33
C CYS A 278 -24.30 -1.94 12.56
N ASP A 279 -24.01 -2.49 13.73
CA ASP A 279 -24.51 -1.93 14.99
C ASP A 279 -23.38 -1.36 15.85
N LYS A 280 -22.26 -0.97 15.20
CA LYS A 280 -21.12 -0.39 15.89
C LYS A 280 -21.14 1.15 15.78
N PRO A 281 -20.34 1.84 16.61
CA PRO A 281 -20.11 3.28 16.42
C PRO A 281 -19.41 3.59 15.09
N LEU A 282 -19.62 4.80 14.58
CA LEU A 282 -19.38 5.11 13.17
C LEU A 282 -17.95 4.86 12.67
N LEU A 283 -16.96 5.19 13.49
CA LEU A 283 -15.56 4.88 13.16
C LEU A 283 -15.39 3.39 12.91
N GLN A 284 -15.80 2.61 13.90
CA GLN A 284 -15.63 1.16 13.91
C GLN A 284 -16.46 0.48 12.82
N LYS A 285 -17.62 1.09 12.52
CA LYS A 285 -18.54 0.61 11.49
C LYS A 285 -17.94 0.72 10.09
N SER A 286 -17.36 1.90 9.80
CA SER A 286 -16.66 2.14 8.51
C SER A 286 -15.53 1.14 8.30
N HIS A 287 -14.67 1.01 9.30
CA HIS A 287 -13.52 0.10 9.23
C HIS A 287 -13.95 -1.36 9.06
N CYS A 288 -14.92 -1.81 9.85
CA CYS A 288 -15.46 -3.19 9.76
C CYS A 288 -15.96 -3.54 8.35
N ILE A 289 -16.70 -2.62 7.74
CA ILE A 289 -17.17 -2.76 6.36
C ILE A 289 -16.01 -2.89 5.37
N ALA A 290 -14.99 -2.05 5.54
CA ALA A 290 -13.81 -2.07 4.66
C ALA A 290 -13.03 -3.38 4.75
N GLU A 291 -12.97 -3.95 5.96
CA GLU A 291 -12.25 -5.20 6.24
C GLU A 291 -13.14 -6.44 6.34
N VAL A 292 -14.39 -6.36 5.86
CA VAL A 292 -15.32 -7.49 5.99
C VAL A 292 -14.86 -8.67 5.16
N LYS A 293 -15.13 -9.88 5.65
CA LYS A 293 -14.82 -11.12 4.95
C LYS A 293 -15.72 -11.31 3.72
N GLU A 294 -15.26 -12.17 2.81
CA GLU A 294 -16.00 -12.48 1.59
C GLU A 294 -17.19 -13.36 1.97
N ASP A 295 -18.38 -12.97 1.51
CA ASP A 295 -19.63 -13.66 1.86
C ASP A 295 -19.73 -14.98 1.09
N ASP A 296 -20.60 -15.87 1.54
CA ASP A 296 -20.80 -17.17 0.90
C ASP A 296 -21.35 -16.99 -0.52
N LEU A 297 -20.94 -17.90 -1.39
CA LEU A 297 -21.31 -17.86 -2.80
C LEU A 297 -22.75 -18.38 -2.90
N PRO A 298 -23.68 -17.60 -3.49
CA PRO A 298 -25.07 -18.08 -3.55
C PRO A 298 -25.24 -19.28 -4.49
N SER A 299 -26.12 -20.20 -4.07
CA SER A 299 -26.27 -21.52 -4.69
C SER A 299 -26.87 -21.49 -6.10
N ASP A 300 -27.55 -20.39 -6.45
CA ASP A 300 -28.43 -20.31 -7.63
C ASP A 300 -27.83 -19.59 -8.84
N LEU A 301 -26.49 -19.59 -8.97
CA LEU A 301 -25.86 -18.87 -10.08
C LEU A 301 -25.71 -19.73 -11.34
N PRO A 302 -26.17 -19.21 -12.50
CA PRO A 302 -26.09 -19.95 -13.76
C PRO A 302 -24.70 -19.85 -14.37
N ALA A 303 -24.33 -20.82 -15.21
CA ALA A 303 -23.01 -20.81 -15.85
C ALA A 303 -22.83 -19.51 -16.63
N LEU A 304 -21.65 -18.91 -16.52
CA LEU A 304 -21.32 -17.72 -17.31
C LEU A 304 -21.47 -17.97 -18.81
N ALA A 305 -21.12 -19.18 -19.25
CA ALA A 305 -21.17 -19.59 -20.66
C ALA A 305 -22.43 -19.16 -21.43
N ALA A 306 -23.61 -19.33 -20.82
CA ALA A 306 -24.89 -18.97 -21.46
C ALA A 306 -24.96 -17.51 -21.92
N ASP A 307 -24.67 -16.57 -21.02
CA ASP A 307 -24.81 -15.14 -21.31
C ASP A 307 -23.59 -14.46 -21.96
N PHE A 308 -22.43 -15.14 -22.00
CA PHE A 308 -21.16 -14.52 -22.46
C PHE A 308 -20.40 -15.22 -23.60
N ALA A 309 -20.57 -16.53 -23.75
CA ALA A 309 -20.11 -17.27 -24.94
C ALA A 309 -21.26 -17.63 -25.88
N GLU A 310 -22.39 -18.06 -25.30
CA GLU A 310 -23.51 -18.61 -26.07
C GLU A 310 -24.54 -17.60 -26.63
N ASP A 311 -24.97 -16.58 -25.87
CA ASP A 311 -25.95 -15.60 -26.38
C ASP A 311 -25.45 -15.06 -27.72
N LYS A 312 -26.28 -15.23 -28.76
CA LYS A 312 -25.92 -14.88 -30.13
C LYS A 312 -25.86 -13.37 -30.39
N GLU A 313 -26.61 -12.59 -29.60
CA GLU A 313 -26.72 -11.14 -29.81
C GLU A 313 -25.69 -10.30 -29.01
N ILE A 314 -24.50 -10.84 -28.75
CA ILE A 314 -23.50 -10.15 -27.93
C ILE A 314 -22.86 -8.97 -28.68
N CYS A 315 -22.61 -9.09 -29.98
CA CYS A 315 -22.02 -7.98 -30.76
C CYS A 315 -22.92 -6.74 -30.80
N LYS A 316 -24.24 -6.96 -30.83
CA LYS A 316 -25.21 -5.88 -30.63
C LYS A 316 -25.15 -5.39 -29.18
N HIS A 317 -25.21 -6.32 -28.22
CA HIS A 317 -25.09 -6.00 -26.78
C HIS A 317 -23.84 -5.17 -26.47
N TYR A 318 -22.71 -5.63 -27.00
CA TYR A 318 -21.43 -4.99 -26.81
C TYR A 318 -21.45 -3.60 -27.46
N LYS A 319 -21.96 -3.52 -28.68
CA LYS A 319 -22.06 -2.23 -29.40
C LYS A 319 -22.88 -1.17 -28.66
N ASP A 320 -24.00 -1.57 -28.05
CA ASP A 320 -24.94 -0.63 -27.40
C ASP A 320 -24.42 0.02 -26.12
N ALA A 321 -23.73 -0.76 -25.29
CA ALA A 321 -23.16 -0.26 -24.03
C ALA A 321 -21.88 -1.01 -23.69
N LYS A 322 -20.80 -0.66 -24.38
CA LYS A 322 -19.52 -1.35 -24.24
C LYS A 322 -19.06 -1.41 -22.78
N ASP A 323 -18.94 -0.25 -22.14
CA ASP A 323 -18.41 -0.18 -20.77
C ASP A 323 -19.35 -0.85 -19.75
N VAL A 324 -20.65 -0.59 -19.88
CA VAL A 324 -21.65 -1.21 -19.00
C VAL A 324 -21.72 -2.75 -19.17
N PHE A 325 -21.50 -3.22 -20.39
CA PHE A 325 -21.59 -4.65 -20.70
C PHE A 325 -20.38 -5.43 -20.16
N LEU A 326 -19.18 -4.87 -20.30
CA LEU A 326 -17.96 -5.49 -19.79
C LEU A 326 -17.96 -5.47 -18.25
N GLY A 327 -18.48 -4.40 -17.67
CA GLY A 327 -18.71 -4.33 -16.23
C GLY A 327 -19.56 -5.49 -15.75
N THR A 328 -20.62 -5.79 -16.50
CA THR A 328 -21.45 -6.96 -16.23
C THR A 328 -20.62 -8.24 -16.23
N PHE A 329 -19.82 -8.43 -17.28
CA PHE A 329 -18.92 -9.57 -17.37
C PHE A 329 -18.02 -9.64 -16.14
N LEU A 330 -17.41 -8.51 -15.82
CA LEU A 330 -16.46 -8.45 -14.70
C LEU A 330 -17.14 -8.74 -13.36
N TYR A 331 -18.35 -8.20 -13.19
CA TYR A 331 -19.19 -8.46 -12.02
C TYR A 331 -19.50 -9.95 -11.88
N GLU A 332 -19.99 -10.55 -12.97
CA GLU A 332 -20.40 -11.95 -12.94
C GLU A 332 -19.22 -12.90 -12.77
N TYR A 333 -18.09 -12.59 -13.42
CA TYR A 333 -16.90 -13.45 -13.31
C TYR A 333 -16.26 -13.34 -11.92
N SER A 334 -16.17 -12.12 -11.38
CA SER A 334 -15.46 -11.88 -10.12
C SER A 334 -16.18 -12.47 -8.92
N ARG A 335 -17.51 -12.39 -8.89
CA ARG A 335 -18.28 -12.98 -7.79
C ARG A 335 -18.15 -14.50 -7.68
N ARG A 336 -18.03 -15.18 -8.83
CA ARG A 336 -17.83 -16.65 -8.85
C ARG A 336 -16.44 -17.10 -8.44
N HIS A 337 -15.46 -16.19 -8.47
CA HIS A 337 -14.06 -16.53 -8.27
C HIS A 337 -13.42 -15.71 -7.15
N PRO A 338 -13.88 -15.93 -5.90
CA PRO A 338 -13.15 -15.33 -4.76
C PRO A 338 -11.73 -15.88 -4.65
N ASP A 339 -11.48 -17.03 -5.28
CA ASP A 339 -10.15 -17.65 -5.33
C ASP A 339 -9.15 -17.04 -6.32
N TYR A 340 -9.55 -16.00 -7.08
CA TYR A 340 -8.63 -15.36 -8.03
C TYR A 340 -8.22 -13.97 -7.50
N SER A 341 -6.98 -13.57 -7.79
CA SER A 341 -6.51 -12.23 -7.43
C SER A 341 -7.21 -11.19 -8.30
N VAL A 342 -7.19 -9.94 -7.85
CA VAL A 342 -7.90 -8.88 -8.54
C VAL A 342 -7.26 -8.60 -9.91
N SER A 343 -5.94 -8.44 -9.95
CA SER A 343 -5.26 -8.15 -11.21
C SER A 343 -5.50 -9.26 -12.25
N LEU A 344 -5.58 -10.50 -11.80
CA LEU A 344 -5.93 -11.62 -12.69
C LEU A 344 -7.35 -11.48 -13.28
N LEU A 345 -8.30 -11.07 -12.46
CA LEU A 345 -9.66 -10.82 -12.92
C LEU A 345 -9.68 -9.72 -13.98
N LEU A 346 -8.90 -8.66 -13.77
CA LEU A 346 -8.77 -7.60 -14.76
C LEU A 346 -8.09 -8.08 -16.04
N ARG A 347 -7.08 -8.94 -15.88
CA ARG A 347 -6.35 -9.56 -16.99
C ARG A 347 -7.33 -10.34 -17.90
N ILE A 348 -8.17 -11.16 -17.25
CA ILE A 348 -9.20 -11.96 -17.90
C ILE A 348 -10.24 -11.11 -18.64
N ALA A 349 -10.73 -10.09 -17.96
CA ALA A 349 -11.71 -9.16 -18.53
C ALA A 349 -11.16 -8.35 -19.69
N LYS A 350 -9.87 -8.01 -19.63
CA LYS A 350 -9.18 -7.38 -20.77
C LYS A 350 -9.19 -8.31 -21.99
N THR A 351 -8.93 -9.59 -21.76
CA THR A 351 -8.96 -10.63 -22.82
C THR A 351 -10.33 -10.72 -23.45
N TYR A 352 -11.36 -10.80 -22.61
CA TYR A 352 -12.74 -10.86 -23.07
C TYR A 352 -13.06 -9.66 -23.98
N GLU A 353 -12.70 -8.46 -23.54
CA GLU A 353 -12.89 -7.22 -24.35
C GLU A 353 -12.21 -7.33 -25.70
N ALA A 354 -10.94 -7.72 -25.69
CA ALA A 354 -10.13 -7.81 -26.90
C ALA A 354 -10.58 -8.91 -27.87
N THR A 355 -11.13 -10.01 -27.34
CA THR A 355 -11.65 -11.11 -28.19
C THR A 355 -12.92 -10.65 -28.94
N LEU A 356 -13.81 -9.97 -28.24
CA LEU A 356 -15.03 -9.42 -28.84
C LEU A 356 -14.73 -8.43 -29.97
N GLU A 357 -13.66 -7.64 -29.83
CA GLU A 357 -13.25 -6.70 -30.89
C GLU A 357 -12.82 -7.42 -32.18
N LYS A 358 -12.05 -8.50 -32.04
CA LYS A 358 -11.59 -9.30 -33.21
C LYS A 358 -12.70 -10.18 -33.80
N CYS A 359 -13.51 -10.81 -32.94
CA CYS A 359 -14.61 -11.69 -33.39
C CYS A 359 -15.78 -10.93 -34.04
N CYS A 360 -16.20 -9.82 -33.43
CA CYS A 360 -17.29 -9.00 -34.01
C CYS A 360 -16.87 -8.28 -35.31
N ALA A 361 -15.56 -8.07 -35.49
CA ALA A 361 -15.02 -7.58 -36.76
C ALA A 361 -15.02 -8.67 -37.84
N GLU A 362 -14.75 -9.92 -37.44
CA GLU A 362 -14.78 -11.08 -38.35
C GLU A 362 -16.17 -11.35 -38.94
N ALA A 363 -16.22 -12.27 -39.91
CA ALA A 363 -17.47 -12.60 -40.60
C ALA A 363 -18.53 -13.26 -39.71
N ASP A 364 -18.11 -14.23 -38.89
CA ASP A 364 -19.03 -15.01 -38.03
C ASP A 364 -18.61 -14.90 -36.55
N PRO A 365 -19.26 -13.98 -35.78
CA PRO A 365 -18.90 -13.84 -34.35
C PRO A 365 -19.36 -14.97 -33.39
N PRO A 366 -20.64 -15.41 -33.44
CA PRO A 366 -21.10 -16.48 -32.52
C PRO A 366 -20.24 -17.76 -32.50
N ALA A 367 -19.80 -18.19 -33.67
CA ALA A 367 -18.88 -19.34 -33.80
C ALA A 367 -17.46 -19.00 -33.33
N CYS A 368 -17.02 -17.75 -33.56
CA CYS A 368 -15.72 -17.27 -33.12
C CYS A 368 -15.64 -17.20 -31.59
N TYR A 369 -16.48 -16.35 -31.00
CA TYR A 369 -16.44 -16.10 -29.54
C TYR A 369 -17.02 -17.21 -28.67
N ARG A 370 -17.63 -18.24 -29.28
CA ARG A 370 -18.09 -19.42 -28.56
C ARG A 370 -17.02 -20.07 -27.65
N THR A 371 -15.74 -19.94 -28.02
CA THR A 371 -14.61 -20.50 -27.24
C THR A 371 -13.71 -19.42 -26.59
N VAL A 372 -14.26 -18.25 -26.30
CA VAL A 372 -13.52 -17.18 -25.62
C VAL A 372 -13.06 -17.59 -24.22
N PHE A 373 -13.86 -18.41 -23.52
CA PHE A 373 -13.51 -18.91 -22.18
C PHE A 373 -12.28 -19.81 -22.14
N ASP A 374 -11.94 -20.39 -23.29
CA ASP A 374 -10.74 -21.24 -23.41
C ASP A 374 -9.44 -20.42 -23.32
N GLN A 375 -9.49 -19.13 -23.66
CA GLN A 375 -8.32 -18.24 -23.54
C GLN A 375 -7.95 -17.86 -22.09
N PHE A 376 -8.84 -18.13 -21.13
CA PHE A 376 -8.56 -17.87 -19.71
C PHE A 376 -7.76 -18.98 -19.02
N THR A 377 -7.80 -20.20 -19.56
CA THR A 377 -7.15 -21.36 -18.93
C THR A 377 -5.66 -21.11 -18.70
N PRO A 378 -4.94 -20.66 -19.76
CA PRO A 378 -3.51 -20.34 -19.57
C PRO A 378 -3.26 -19.16 -18.62
N LEU A 379 -4.15 -18.17 -18.63
CA LEU A 379 -4.02 -17.01 -17.75
C LEU A 379 -4.08 -17.35 -16.25
N VAL A 380 -4.88 -18.35 -15.89
CA VAL A 380 -5.03 -18.80 -14.48
C VAL A 380 -3.86 -19.69 -14.03
N GLU A 381 -3.40 -20.60 -14.89
CA GLU A 381 -2.33 -21.54 -14.53
C GLU A 381 -1.00 -20.83 -14.24
N GLU A 382 -0.76 -19.71 -14.93
CA GLU A 382 0.50 -18.95 -14.83
C GLU A 382 0.77 -18.35 -13.43
N PRO A 383 -0.18 -17.59 -12.83
CA PRO A 383 -0.02 -17.17 -11.43
C PRO A 383 -0.01 -18.33 -10.42
N LYS A 384 -0.80 -19.37 -10.70
CA LYS A 384 -0.82 -20.59 -9.86
C LYS A 384 0.55 -21.26 -9.78
N SER A 385 1.27 -21.27 -10.90
CA SER A 385 2.63 -21.82 -10.94
C SER A 385 3.62 -20.99 -10.13
N LEU A 386 3.57 -19.67 -10.29
CA LEU A 386 4.48 -18.76 -9.58
C LEU A 386 4.37 -18.94 -8.07
N VAL A 387 3.14 -18.99 -7.58
CA VAL A 387 2.84 -19.08 -6.15
C VAL A 387 3.28 -20.42 -5.56
N LYS A 388 2.95 -21.49 -6.25
CA LYS A 388 3.41 -22.84 -5.89
C LYS A 388 4.94 -22.86 -5.71
N LYS A 389 5.66 -22.36 -6.71
CA LYS A 389 7.14 -22.35 -6.71
C LYS A 389 7.76 -21.52 -5.56
N ASN A 390 7.17 -20.36 -5.27
CA ASN A 390 7.65 -19.49 -4.17
C ASN A 390 7.31 -20.06 -2.80
N CYS A 391 6.09 -20.59 -2.66
CA CYS A 391 5.67 -21.23 -1.40
C CYS A 391 6.44 -22.52 -1.06
N ASP A 392 6.72 -23.34 -2.08
CA ASP A 392 7.59 -24.51 -1.90
C ASP A 392 9.01 -24.10 -1.54
N LEU A 393 9.47 -22.95 -2.07
CA LEU A 393 10.79 -22.42 -1.70
C LEU A 393 10.79 -21.90 -0.28
N PHE A 394 9.80 -21.07 0.05
CA PHE A 394 9.65 -20.53 1.40
C PHE A 394 9.57 -21.64 2.47
N GLU A 395 8.75 -22.66 2.21
CA GLU A 395 8.67 -23.84 3.11
C GLU A 395 9.98 -24.62 3.15
N GLU A 396 10.62 -24.82 1.99
CA GLU A 396 11.92 -25.51 1.94
C GLU A 396 13.03 -24.82 2.75
N VAL A 397 13.06 -23.48 2.78
CA VAL A 397 14.22 -22.74 3.33
C VAL A 397 13.99 -21.69 4.44
N GLY A 398 12.75 -21.36 4.79
CA GLY A 398 12.48 -20.35 5.85
C GLY A 398 12.59 -18.91 5.37
N GLU A 399 12.06 -17.97 6.17
CA GLU A 399 11.83 -16.59 5.74
C GLU A 399 13.12 -15.86 5.34
N TYR A 400 14.09 -15.78 6.25
CA TYR A 400 15.32 -14.99 6.02
C TYR A 400 15.98 -15.38 4.67
N ASP A 401 16.17 -16.68 4.45
CA ASP A 401 16.75 -17.19 3.22
C ASP A 401 15.90 -16.94 1.99
N PHE A 402 14.58 -17.06 2.16
CA PHE A 402 13.62 -16.74 1.10
C PHE A 402 13.76 -15.28 0.70
N GLN A 403 13.81 -14.40 1.69
CA GLN A 403 14.08 -12.98 1.46
C GLN A 403 15.35 -12.76 0.67
N ASN A 404 16.43 -13.44 1.06
CA ASN A 404 17.71 -13.31 0.38
C ASN A 404 17.65 -13.79 -1.05
N ALA A 405 16.94 -14.90 -1.26
CA ALA A 405 16.68 -15.42 -2.61
C ALA A 405 15.98 -14.39 -3.49
N LEU A 406 14.98 -13.70 -2.94
CA LEU A 406 14.28 -12.66 -3.67
C LEU A 406 15.15 -11.44 -3.93
N ILE A 407 16.00 -11.08 -2.96
CA ILE A 407 16.95 -9.99 -3.15
C ILE A 407 17.90 -10.25 -4.32
N VAL A 408 18.38 -11.49 -4.41
CA VAL A 408 19.25 -11.89 -5.52
C VAL A 408 18.47 -11.85 -6.83
N ARG A 409 17.23 -12.34 -6.78
CA ARG A 409 16.33 -12.37 -7.93
C ARG A 409 16.09 -10.96 -8.46
N TYR A 410 15.59 -10.07 -7.60
CA TYR A 410 15.24 -8.71 -8.02
C TYR A 410 16.45 -7.83 -8.36
N THR A 411 17.59 -8.05 -7.69
CA THR A 411 18.83 -7.35 -8.02
C THR A 411 19.33 -7.69 -9.41
N LYS A 412 19.20 -8.95 -9.81
CA LYS A 412 19.57 -9.36 -11.18
C LYS A 412 18.63 -8.74 -12.21
N LYS A 413 17.33 -8.71 -11.90
CA LYS A 413 16.30 -8.08 -12.76
C LYS A 413 16.58 -6.60 -13.02
N ALA A 414 16.96 -5.89 -11.95
CA ALA A 414 17.11 -4.45 -11.99
C ALA A 414 18.29 -3.99 -11.13
N PRO A 415 19.52 -4.19 -11.61
CA PRO A 415 20.70 -3.84 -10.79
C PRO A 415 21.01 -2.33 -10.68
N GLN A 416 20.30 -1.51 -11.42
CA GLN A 416 20.46 -0.06 -11.40
C GLN A 416 19.67 0.53 -10.21
N VAL A 417 18.67 -0.20 -9.72
CA VAL A 417 17.86 0.25 -8.58
C VAL A 417 18.72 0.27 -7.33
N SER A 418 18.44 1.21 -6.43
CA SER A 418 19.26 1.40 -5.24
C SER A 418 19.17 0.19 -4.32
N THR A 419 20.25 -0.02 -3.57
CA THR A 419 20.35 -1.17 -2.67
C THR A 419 19.32 -1.13 -1.53
N PRO A 420 19.10 0.06 -0.91
CA PRO A 420 18.05 0.12 0.11
C PRO A 420 16.68 -0.32 -0.40
N THR A 421 16.33 0.11 -1.61
CA THR A 421 15.05 -0.23 -2.24
C THR A 421 14.95 -1.74 -2.52
N LEU A 422 16.01 -2.32 -3.07
CA LEU A 422 16.05 -3.77 -3.35
C LEU A 422 15.93 -4.61 -2.07
N VAL A 423 16.57 -4.16 -1.00
CA VAL A 423 16.46 -4.83 0.30
C VAL A 423 15.04 -4.73 0.84
N GLU A 424 14.42 -3.55 0.73
CA GLU A 424 13.02 -3.34 1.16
C GLU A 424 12.02 -4.28 0.45
N ILE A 425 12.18 -4.45 -0.86
CA ILE A 425 11.25 -5.28 -1.65
C ILE A 425 11.43 -6.76 -1.32
N GLY A 426 12.68 -7.23 -1.31
CA GLY A 426 12.99 -8.62 -0.98
C GLY A 426 12.51 -8.98 0.41
N ARG A 427 12.76 -8.06 1.36
CA ARG A 427 12.31 -8.26 2.75
C ARG A 427 10.79 -8.31 2.83
N THR A 428 10.11 -7.32 2.24
CA THR A 428 8.65 -7.28 2.27
C THR A 428 8.05 -8.52 1.63
N LEU A 429 8.54 -8.92 0.47
CA LEU A 429 8.01 -10.09 -0.23
C LEU A 429 8.19 -11.41 0.52
N GLY A 430 9.25 -11.51 1.33
CA GLY A 430 9.42 -12.67 2.18
C GLY A 430 8.36 -12.75 3.27
N LYS A 431 7.96 -11.60 3.81
CA LYS A 431 6.89 -11.52 4.81
C LYS A 431 5.56 -11.99 4.20
N VAL A 432 5.32 -11.59 2.95
CA VAL A 432 4.19 -12.08 2.15
C VAL A 432 4.12 -13.62 2.09
N GLY A 433 5.28 -14.28 1.96
CA GLY A 433 5.37 -15.75 2.04
C GLY A 433 4.92 -16.32 3.38
N SER A 434 5.28 -15.66 4.48
CA SER A 434 4.83 -16.05 5.82
C SER A 434 3.33 -15.85 5.99
N ARG A 435 2.83 -14.78 5.38
CA ARG A 435 1.40 -14.47 5.43
C ARG A 435 0.60 -15.50 4.65
N CYS A 436 1.00 -15.74 3.40
CA CYS A 436 0.12 -16.39 2.41
C CYS A 436 0.32 -17.90 2.20
N CYS A 437 1.54 -18.40 2.35
CA CYS A 437 1.80 -19.83 2.07
C CYS A 437 1.12 -20.78 3.07
N LYS A 438 0.90 -20.32 4.30
CA LYS A 438 0.18 -21.10 5.32
C LYS A 438 -1.35 -21.19 5.11
N LEU A 439 -1.91 -20.37 4.23
CA LEU A 439 -3.36 -20.35 3.99
C LEU A 439 -3.82 -21.52 3.08
N PRO A 440 -5.12 -21.85 3.10
CA PRO A 440 -5.73 -22.73 2.09
C PRO A 440 -5.62 -22.17 0.66
N GLU A 441 -5.59 -23.07 -0.33
CA GLU A 441 -5.38 -22.72 -1.76
C GLU A 441 -6.47 -21.79 -2.34
N SER A 442 -7.71 -21.97 -1.87
CA SER A 442 -8.80 -21.01 -2.12
C SER A 442 -8.49 -19.55 -1.71
N GLU A 443 -7.56 -19.37 -0.77
CA GLU A 443 -7.14 -18.05 -0.26
C GLU A 443 -5.66 -17.69 -0.57
N ARG A 444 -4.88 -18.63 -1.07
CA ARG A 444 -3.42 -18.51 -1.14
C ARG A 444 -2.96 -17.72 -2.37
N LEU A 445 -3.52 -18.04 -3.53
CA LEU A 445 -3.25 -17.27 -4.75
C LEU A 445 -3.58 -15.78 -4.56
N PRO A 446 -4.83 -15.45 -4.16
CA PRO A 446 -5.15 -14.03 -4.07
C PRO A 446 -4.35 -13.29 -3.01
N CYS A 447 -4.07 -13.91 -1.87
CA CYS A 447 -3.18 -13.31 -0.86
C CYS A 447 -1.82 -12.98 -1.48
N SER A 448 -1.21 -13.99 -2.11
CA SER A 448 0.12 -13.83 -2.71
C SER A 448 0.18 -12.73 -3.75
N GLU A 449 -0.74 -12.73 -4.72
CA GLU A 449 -0.69 -11.79 -5.84
C GLU A 449 -1.21 -10.39 -5.48
N ASN A 450 -2.16 -10.29 -4.56
CA ASN A 450 -2.67 -8.98 -4.13
C ASN A 450 -1.63 -8.23 -3.31
N HIS A 451 -0.99 -8.93 -2.38
CA HIS A 451 0.10 -8.33 -1.59
C HIS A 451 1.38 -8.10 -2.39
N LEU A 452 1.65 -8.95 -3.37
CA LEU A 452 2.76 -8.74 -4.30
C LEU A 452 2.57 -7.44 -5.09
N ALA A 453 1.34 -7.18 -5.53
CA ALA A 453 0.99 -5.92 -6.19
C ALA A 453 1.26 -4.68 -5.33
N LEU A 454 1.10 -4.81 -4.02
CA LEU A 454 1.40 -3.71 -3.10
C LEU A 454 2.88 -3.40 -3.05
N ALA A 455 3.69 -4.45 -2.98
CA ALA A 455 5.14 -4.32 -2.93
C ALA A 455 5.70 -3.75 -4.23
N LEU A 456 5.19 -4.21 -5.37
CA LEU A 456 5.60 -3.67 -6.68
C LEU A 456 5.19 -2.21 -6.84
N ASN A 457 4.08 -1.81 -6.23
CA ASN A 457 3.66 -0.41 -6.28
C ASN A 457 4.59 0.48 -5.47
N ARG A 458 5.05 -0.04 -4.34
CA ARG A 458 6.02 0.65 -3.50
C ARG A 458 7.30 0.91 -4.29
N LEU A 459 7.84 -0.12 -4.91
CA LEU A 459 8.99 0.02 -5.81
C LEU A 459 8.73 1.05 -6.92
N CYS A 460 7.57 0.99 -7.55
CA CYS A 460 7.22 1.94 -8.63
C CYS A 460 7.19 3.38 -8.15
N VAL A 461 6.68 3.59 -6.94
CA VAL A 461 6.55 4.94 -6.34
C VAL A 461 7.91 5.55 -6.01
N LEU A 462 8.84 4.72 -5.55
CA LEU A 462 10.22 5.15 -5.29
C LEU A 462 10.95 5.42 -6.60
N HIS A 463 10.61 4.66 -7.62
CA HIS A 463 11.20 4.81 -8.94
C HIS A 463 10.73 6.09 -9.66
N GLU A 464 9.46 6.46 -9.52
CA GLU A 464 8.96 7.70 -10.12
C GLU A 464 9.66 8.92 -9.50
N LYS A 465 9.93 8.84 -8.20
CA LYS A 465 10.70 9.84 -7.46
C LYS A 465 12.11 10.01 -8.05
N THR A 466 12.84 8.90 -8.22
CA THR A 466 14.25 8.90 -8.65
C THR A 466 14.52 7.83 -9.75
N PRO A 467 14.02 8.06 -10.98
CA PRO A 467 14.11 7.02 -12.04
C PRO A 467 15.52 6.64 -12.49
N VAL A 468 15.74 5.33 -12.66
CA VAL A 468 17.04 4.76 -13.08
C VAL A 468 17.02 3.79 -14.28
N SER A 469 15.88 3.18 -14.57
CA SER A 469 15.77 2.11 -15.57
C SER A 469 14.52 2.27 -16.44
N GLU A 470 14.71 2.30 -17.75
CA GLU A 470 13.60 2.33 -18.69
C GLU A 470 12.65 1.14 -18.49
N LYS A 471 13.20 -0.07 -18.40
CA LYS A 471 12.35 -1.25 -18.27
C LYS A 471 11.49 -1.23 -16.98
N ILE A 472 11.99 -0.65 -15.89
CA ILE A 472 11.16 -0.43 -14.70
C ILE A 472 10.05 0.58 -15.01
N THR A 473 10.40 1.71 -15.62
CA THR A 473 9.42 2.72 -16.04
C THR A 473 8.29 2.11 -16.87
N LYS A 474 8.63 1.27 -17.84
CA LYS A 474 7.62 0.61 -18.69
C LYS A 474 6.67 -0.25 -17.85
N CYS A 475 7.23 -1.12 -17.01
CA CYS A 475 6.42 -1.93 -16.10
C CYS A 475 5.52 -1.12 -15.16
N CYS A 476 5.98 0.05 -14.74
CA CYS A 476 5.21 0.88 -13.81
C CYS A 476 4.16 1.77 -14.47
N THR A 477 4.38 2.18 -15.72
CA THR A 477 3.47 3.12 -16.41
C THR A 477 2.52 2.50 -17.43
N ASP A 478 2.82 1.28 -17.92
CA ASP A 478 2.09 0.72 -19.07
C ASP A 478 0.70 0.20 -18.75
N SER A 479 0.54 -0.50 -17.64
CA SER A 479 -0.73 -1.19 -17.37
C SER A 479 -0.73 -1.85 -16.00
N LEU A 480 -1.69 -1.46 -15.17
CA LEU A 480 -1.83 -1.93 -13.80
C LEU A 480 -2.04 -3.45 -13.75
N ALA A 481 -2.97 -3.93 -14.59
CA ALA A 481 -3.31 -5.36 -14.66
C ALA A 481 -2.10 -6.21 -15.05
N GLU A 482 -1.32 -5.73 -16.02
CA GLU A 482 -0.16 -6.46 -16.54
C GLU A 482 1.16 -6.16 -15.80
N ARG A 483 1.07 -5.49 -14.64
CA ARG A 483 2.26 -5.05 -13.92
C ARG A 483 3.06 -6.23 -13.39
N ARG A 484 2.40 -7.11 -12.63
CA ARG A 484 3.09 -8.26 -12.04
C ARG A 484 3.72 -9.17 -13.12
N PRO A 485 2.96 -9.52 -14.18
CA PRO A 485 3.59 -10.19 -15.33
C PRO A 485 4.81 -9.49 -15.92
N CYS A 486 4.77 -8.16 -15.97
CA CYS A 486 5.86 -7.35 -16.53
C CYS A 486 7.15 -7.49 -15.71
N PHE A 487 7.02 -7.42 -14.38
CA PHE A 487 8.17 -7.58 -13.50
C PHE A 487 8.72 -9.01 -13.52
N SER A 488 7.83 -9.99 -13.63
CA SER A 488 8.23 -11.39 -13.80
C SER A 488 9.06 -11.62 -15.07
N ALA A 489 8.68 -10.96 -16.16
CA ALA A 489 9.40 -11.09 -17.43
C ALA A 489 10.79 -10.43 -17.44
N LEU A 490 11.09 -9.58 -16.46
CA LEU A 490 12.43 -8.98 -16.37
C LEU A 490 13.49 -10.06 -16.10
N GLU A 491 14.60 -9.94 -16.82
CA GLU A 491 15.77 -10.80 -16.65
C GLU A 491 16.98 -9.89 -16.66
N LEU A 492 18.11 -10.41 -16.18
CA LEU A 492 19.40 -9.70 -16.27
C LEU A 492 19.75 -9.38 -17.73
N ASP A 493 20.14 -8.13 -17.99
CA ASP A 493 20.59 -7.72 -19.32
C ASP A 493 21.94 -8.36 -19.69
N GLU A 494 22.07 -8.78 -20.95
CA GLU A 494 23.34 -9.29 -21.48
C GLU A 494 24.41 -8.18 -21.49
N GLY A 495 23.96 -6.94 -21.71
CA GLY A 495 24.82 -5.76 -21.71
C GLY A 495 24.84 -4.94 -20.41
N TYR A 496 24.48 -5.54 -19.29
CA TYR A 496 24.70 -4.91 -17.99
C TYR A 496 26.20 -4.99 -17.67
N VAL A 497 26.79 -3.87 -17.30
CA VAL A 497 28.21 -3.80 -16.98
C VAL A 497 28.35 -4.00 -15.46
N PRO A 498 28.97 -5.12 -15.03
CA PRO A 498 29.24 -5.32 -13.61
C PRO A 498 29.75 -4.06 -12.93
N LYS A 499 29.08 -3.68 -11.83
CA LYS A 499 29.47 -2.52 -11.05
C LYS A 499 30.89 -2.66 -10.53
N GLU A 500 31.62 -1.53 -10.51
CA GLU A 500 33.01 -1.48 -10.06
C GLU A 500 33.12 -1.90 -8.59
N PHE A 501 34.19 -2.61 -8.26
CA PHE A 501 34.44 -3.06 -6.89
C PHE A 501 34.93 -1.93 -6.00
N LYS A 502 34.27 -1.74 -4.87
CA LYS A 502 34.71 -0.80 -3.83
C LYS A 502 34.79 -1.57 -2.51
N ALA A 503 35.97 -1.57 -1.89
CA ALA A 503 36.25 -2.37 -0.70
C ALA A 503 35.39 -1.97 0.49
N GLU A 504 35.33 -0.66 0.74
CA GLU A 504 34.47 -0.07 1.79
C GLU A 504 33.04 -0.62 1.79
N THR A 505 32.48 -0.87 0.61
CA THR A 505 31.15 -1.46 0.47
C THR A 505 31.00 -2.85 1.13
N PHE A 506 32.09 -3.62 1.25
CA PHE A 506 32.06 -4.95 1.90
C PHE A 506 32.85 -5.03 3.21
N THR A 507 33.26 -3.87 3.72
CA THR A 507 33.99 -3.73 4.98
C THR A 507 33.00 -3.46 6.12
N PHE A 508 32.89 -4.42 7.04
CA PHE A 508 32.05 -4.28 8.23
C PHE A 508 32.87 -3.75 9.41
N HIS A 509 32.18 -3.19 10.40
CA HIS A 509 32.81 -2.66 11.62
C HIS A 509 32.04 -3.08 12.86
N ALA A 510 32.66 -2.85 14.01
CA ALA A 510 32.09 -3.20 15.33
C ALA A 510 30.81 -2.48 15.70
N ASP A 511 30.50 -1.37 15.03
CA ASP A 511 29.21 -0.69 15.25
C ASP A 511 27.99 -1.54 14.84
N ILE A 512 28.20 -2.56 13.99
CA ILE A 512 27.14 -3.51 13.65
C ILE A 512 26.69 -4.35 14.85
N CYS A 513 27.61 -4.61 15.79
CA CYS A 513 27.34 -5.46 16.96
C CYS A 513 26.30 -4.87 17.92
N THR A 514 26.26 -3.55 18.01
CA THR A 514 25.31 -2.86 18.89
C THR A 514 23.95 -2.57 18.22
N LEU A 515 23.74 -3.01 16.98
CA LEU A 515 22.46 -2.83 16.28
C LEU A 515 21.46 -3.93 16.64
N PRO A 516 20.18 -3.64 16.45
CA PRO A 516 19.12 -4.61 16.65
C PRO A 516 19.20 -5.61 15.49
N GLU A 517 18.62 -6.79 15.64
CA GLU A 517 18.72 -7.82 14.62
C GLU A 517 18.17 -7.43 13.26
N ASP A 518 17.07 -6.69 13.22
CA ASP A 518 16.52 -6.29 11.94
C ASP A 518 17.50 -5.45 11.16
N GLU A 519 18.14 -4.51 11.82
CA GLU A 519 19.14 -3.64 11.16
C GLU A 519 20.44 -4.39 10.86
N LYS A 520 20.76 -5.37 11.70
CA LYS A 520 21.91 -6.25 11.48
C LYS A 520 21.75 -7.01 10.15
N GLN A 521 20.57 -7.57 9.97
CA GLN A 521 20.19 -8.30 8.76
C GLN A 521 20.18 -7.44 7.51
N ILE A 522 19.63 -6.24 7.63
CA ILE A 522 19.58 -5.28 6.51
C ILE A 522 21.01 -4.97 6.07
N LYS A 523 21.89 -4.74 7.04
CA LYS A 523 23.29 -4.47 6.73
C LYS A 523 23.91 -5.64 5.96
N LYS A 524 23.58 -6.87 6.36
CA LYS A 524 24.04 -8.10 5.67
C LYS A 524 23.37 -8.37 4.31
N GLN A 525 22.08 -8.11 4.24
CA GLN A 525 21.32 -8.18 2.99
C GLN A 525 21.70 -7.10 1.99
N SER A 526 22.11 -5.93 2.47
CA SER A 526 22.63 -4.90 1.57
C SER A 526 23.92 -5.36 0.93
N ALA A 527 24.77 -6.02 1.72
CA ALA A 527 25.99 -6.60 1.20
C ALA A 527 25.68 -7.65 0.13
N LEU A 528 24.65 -8.47 0.37
CA LEU A 528 24.20 -9.45 -0.64
C LEU A 528 23.86 -8.79 -1.99
N ALA A 529 22.98 -7.80 -1.97
CA ALA A 529 22.64 -7.04 -3.19
C ALA A 529 23.88 -6.52 -3.91
N GLU A 530 24.82 -5.98 -3.14
CA GLU A 530 26.05 -5.43 -3.70
C GLU A 530 26.96 -6.49 -4.33
N LEU A 531 27.00 -7.69 -3.75
CA LEU A 531 27.71 -8.81 -4.38
C LEU A 531 27.12 -9.13 -5.76
N VAL A 532 25.79 -9.13 -5.86
CA VAL A 532 25.12 -9.43 -7.12
C VAL A 532 25.41 -8.33 -8.15
N LYS A 533 25.24 -7.07 -7.75
CA LYS A 533 25.51 -5.95 -8.65
C LYS A 533 26.91 -6.00 -9.21
N HIS A 534 27.87 -6.41 -8.37
CA HIS A 534 29.26 -6.61 -8.77
C HIS A 534 29.56 -7.92 -9.55
N LYS A 535 28.94 -9.03 -9.16
CA LYS A 535 29.11 -10.32 -9.84
C LYS A 535 27.75 -10.91 -10.25
N PRO A 536 27.08 -10.32 -11.26
CA PRO A 536 25.71 -10.71 -11.60
C PRO A 536 25.54 -12.13 -12.15
N LYS A 537 26.63 -12.75 -12.63
CA LYS A 537 26.57 -14.12 -13.15
C LYS A 537 26.90 -15.19 -12.12
N ALA A 538 27.20 -14.80 -10.88
CA ALA A 538 27.35 -15.75 -9.79
C ALA A 538 26.01 -16.41 -9.54
N THR A 539 26.02 -17.72 -9.32
CA THR A 539 24.78 -18.45 -9.07
C THR A 539 24.31 -18.11 -7.68
N LYS A 540 23.01 -18.27 -7.46
CA LYS A 540 22.44 -18.18 -6.11
C LYS A 540 23.16 -19.08 -5.07
N GLU A 541 23.67 -20.24 -5.50
CA GLU A 541 24.39 -21.14 -4.60
C GLU A 541 25.79 -20.61 -4.23
N GLN A 542 26.48 -19.95 -5.16
CA GLN A 542 27.73 -19.23 -4.84
C GLN A 542 27.49 -18.06 -3.87
N LEU A 543 26.40 -17.34 -4.11
CA LEU A 543 26.06 -16.16 -3.30
C LEU A 543 25.70 -16.55 -1.86
N LYS A 544 24.91 -17.61 -1.72
CA LYS A 544 24.52 -18.11 -0.38
C LYS A 544 25.71 -18.56 0.45
N THR A 545 26.70 -19.17 -0.19
CA THR A 545 27.94 -19.61 0.47
C THR A 545 28.78 -18.45 0.97
N VAL A 546 28.90 -17.41 0.15
CA VAL A 546 29.71 -16.23 0.50
C VAL A 546 29.05 -15.40 1.60
N LEU A 547 27.73 -15.27 1.54
CA LEU A 547 26.99 -14.55 2.59
C LEU A 547 27.08 -15.31 3.90
N GLY A 548 27.07 -16.64 3.83
CA GLY A 548 27.22 -17.49 5.01
C GLY A 548 28.55 -17.24 5.70
N ASN A 549 29.60 -17.08 4.90
CA ASN A 549 30.92 -16.75 5.43
C ASN A 549 30.97 -15.35 6.03
N PHE A 550 30.25 -14.40 5.43
CA PHE A 550 30.07 -13.07 6.04
C PHE A 550 29.32 -13.12 7.35
N SER A 551 28.25 -13.91 7.42
CA SER A 551 27.53 -14.12 8.69
C SER A 551 28.44 -14.67 9.78
N ALA A 552 29.31 -15.62 9.42
CA ALA A 552 30.23 -16.25 10.36
C ALA A 552 31.28 -15.26 10.84
N PHE A 553 31.76 -14.44 9.91
CA PHE A 553 32.69 -13.36 10.20
C PHE A 553 32.11 -12.33 11.17
N VAL A 554 30.88 -11.88 10.92
CA VAL A 554 30.24 -10.89 11.79
C VAL A 554 30.01 -11.44 13.21
N ALA A 555 29.52 -12.66 13.34
CA ALA A 555 29.29 -13.28 14.67
C ALA A 555 30.57 -13.54 15.45
N LYS A 556 31.59 -14.01 14.74
CA LYS A 556 32.93 -14.26 15.31
C LYS A 556 33.50 -12.99 15.93
N CYS A 557 33.56 -11.92 15.15
CA CYS A 557 34.15 -10.66 15.61
C CYS A 557 33.28 -9.91 16.63
N CYS A 558 31.95 -10.04 16.55
CA CYS A 558 31.07 -9.45 17.56
C CYS A 558 31.11 -10.18 18.91
N GLY A 559 31.60 -11.42 18.92
CA GLY A 559 31.84 -12.16 20.15
C GLY A 559 33.19 -11.88 20.78
N ALA A 560 34.16 -11.46 19.95
CA ALA A 560 35.55 -11.24 20.39
C ALA A 560 35.69 -10.14 21.46
N GLU A 561 36.71 -10.26 22.32
CA GLU A 561 36.97 -9.26 23.37
C GLU A 561 37.41 -7.92 22.77
N ASP A 562 38.39 -7.98 21.86
CA ASP A 562 38.77 -6.82 21.03
C ASP A 562 38.05 -6.91 19.66
N LYS A 563 36.88 -6.29 19.59
CA LYS A 563 35.99 -6.44 18.44
C LYS A 563 36.56 -5.78 17.19
N GLU A 564 36.92 -4.49 17.29
CA GLU A 564 37.42 -3.74 16.14
C GLU A 564 38.76 -4.27 15.58
N ALA A 565 39.59 -4.84 16.45
CA ALA A 565 40.83 -5.52 16.00
C ALA A 565 40.54 -6.80 15.21
N CYS A 566 39.49 -7.54 15.60
CA CYS A 566 39.05 -8.73 14.86
C CYS A 566 38.59 -8.34 13.47
N PHE A 567 37.65 -7.38 13.42
CA PHE A 567 37.13 -6.84 12.15
C PHE A 567 38.25 -6.32 11.24
N ALA A 568 39.29 -5.76 11.84
CA ALA A 568 40.48 -5.29 11.10
C ALA A 568 41.30 -6.42 10.48
N GLU A 569 41.55 -7.47 11.25
CA GLU A 569 42.38 -8.60 10.78
C GLU A 569 41.65 -9.49 9.76
N GLU A 570 40.44 -9.89 10.13
CA GLU A 570 39.70 -10.92 9.38
C GLU A 570 38.97 -10.39 8.13
N GLY A 571 38.64 -9.10 8.10
CA GLY A 571 37.86 -8.50 7.01
C GLY A 571 38.42 -8.67 5.60
N PRO A 572 39.64 -8.15 5.34
CA PRO A 572 40.32 -8.26 4.03
C PRO A 572 40.47 -9.68 3.48
N LYS A 573 40.81 -10.63 4.35
CA LYS A 573 40.90 -12.07 3.98
C LYS A 573 39.61 -12.54 3.34
N LEU A 574 38.51 -12.27 4.03
CA LEU A 574 37.18 -12.69 3.58
C LEU A 574 36.77 -12.04 2.26
N VAL A 575 37.17 -10.78 2.06
CA VAL A 575 36.90 -10.06 0.83
C VAL A 575 37.56 -10.74 -0.37
N ALA A 576 38.87 -10.94 -0.30
CA ALA A 576 39.64 -11.50 -1.43
C ALA A 576 39.27 -12.96 -1.77
N SER A 577 38.94 -13.77 -0.77
CA SER A 577 38.49 -15.15 -0.99
C SER A 577 37.08 -15.21 -1.58
N SER A 578 36.24 -14.23 -1.21
CA SER A 578 34.91 -14.09 -1.80
C SER A 578 34.95 -13.75 -3.29
N GLN A 579 35.96 -12.99 -3.71
CA GLN A 579 36.18 -12.70 -5.12
C GLN A 579 36.37 -14.00 -5.90
N LEU A 580 37.33 -14.80 -5.46
CA LEU A 580 37.57 -16.11 -6.04
C LEU A 580 36.37 -17.06 -5.96
N ALA A 581 35.60 -16.97 -4.88
CA ALA A 581 34.40 -17.81 -4.72
C ALA A 581 33.31 -17.47 -5.72
N LEU A 582 33.14 -16.18 -6.02
CA LEU A 582 32.06 -15.71 -6.90
C LEU A 582 32.41 -15.71 -8.39
N ALA A 583 33.65 -16.08 -8.73
CA ALA A 583 34.11 -16.08 -10.13
C ALA A 583 33.31 -17.04 -11.00
ZN ZN B . -4.61 -9.82 2.19
ZN ZN C . 4.86 3.46 9.70
ZN ZN D . 35.38 -8.61 -7.79
ZN ZN E . -15.87 10.57 12.20
ZN ZN F . -28.83 -11.24 -25.34
ZN ZN G . 4.76 2.72 -22.24
ZN ZN H . -10.18 18.59 -4.27
ZN ZN I . 29.75 -0.31 10.45
ZN ZN J . -2.00 21.09 -13.18
ZN ZN K . -5.04 13.27 -9.20
ZN ZN L . -7.20 -0.49 9.19
ZN ZN M . -22.36 21.78 0.20
ZN ZN N . -11.85 3.19 1.04
ZN ZN O . 21.35 -12.14 12.18
ZN ZN P . -25.54 24.87 6.12
C1 GOL Q . -9.93 7.82 -19.16
O1 GOL Q . -10.15 6.43 -19.46
C2 GOL Q . -9.15 7.95 -17.84
O2 GOL Q . -8.15 8.97 -17.96
C3 GOL Q . -10.07 8.29 -16.67
O3 GOL Q . -10.76 7.11 -16.24
#